data_3DPO
#
_entry.id   3DPO
#
_cell.length_a   77.579
_cell.length_b   159.965
_cell.length_c   44.931
_cell.angle_alpha   90.000
_cell.angle_beta   90.000
_cell.angle_gamma   90.000
#
_symmetry.space_group_name_H-M   'P 21 21 2'
#
loop_
_entity.id
_entity.type
_entity.pdbx_description
1 polymer 'Chaperone protein dnaK'
2 polymer 'inhibitor peptide'
3 non-polymer 'SULFATE ION'
4 water water
#
loop_
_entity_poly.entity_id
_entity_poly.type
_entity_poly.pdbx_seq_one_letter_code
_entity_poly.pdbx_strand_id
1 'polypeptide(L)'
;VLLLDVTPLSLGIETMGGVMTTLIAKNTTIPTKHSQVFSTAEDNQSAVTIHVLQGERKRAADNKSLGQFNLDGINPAPRG
MPQIEVTFDIDADGILHVSAKDKNSGKEQKITIKASSGLNEDEIQKMVRDAEANAEADRKFEELVQTRNQGDHLLHSTRK
QVEEAGDKLPADDKTAIESALTALETALKGEDKAAIEAKMQELAQVSQKLMEIAQQQHA
;
A,B
2 'polypeptide(L)' VDKLY(ALC)LPRPT C,D
#
# COMPACT_ATOMS: atom_id res chain seq x y z
N VAL A 1 -1.40 -37.86 -8.03
CA VAL A 1 -1.70 -37.68 -6.58
C VAL A 1 -2.85 -36.70 -6.42
N LEU A 2 -3.68 -36.97 -5.42
CA LEU A 2 -4.86 -36.17 -5.19
C LEU A 2 -4.56 -35.12 -4.15
N LEU A 3 -3.39 -35.24 -3.56
CA LEU A 3 -2.97 -34.21 -2.62
C LEU A 3 -1.49 -34.09 -2.48
N LEU A 4 -1.13 -32.94 -1.96
N LEU A 4 -1.08 -32.90 -2.11
CA LEU A 4 0.24 -32.44 -1.96
CA LEU A 4 0.32 -32.63 -1.81
C LEU A 4 0.44 -31.30 -0.99
C LEU A 4 0.46 -31.34 -1.03
N ASP A 5 1.65 -31.18 -0.51
CA ASP A 5 2.01 -29.99 0.30
C ASP A 5 2.49 -28.85 -0.60
N VAL A 6 1.94 -27.66 -0.38
CA VAL A 6 2.35 -26.44 -1.06
C VAL A 6 2.64 -25.35 -0.04
N THR A 7 3.43 -24.35 -0.45
CA THR A 7 3.53 -23.12 0.34
C THR A 7 2.34 -22.28 -0.12
N PRO A 8 1.53 -21.74 0.81
CA PRO A 8 0.25 -21.26 0.32
C PRO A 8 0.25 -19.83 -0.20
N LEU A 9 1.32 -19.11 0.07
CA LEU A 9 1.41 -17.72 -0.40
C LEU A 9 2.76 -17.51 -1.04
N SER A 10 2.87 -16.54 -1.92
CA SER A 10 4.20 -16.16 -2.44
C SER A 10 5.14 -15.77 -1.30
N LEU A 11 6.40 -16.12 -1.52
CA LEU A 11 7.47 -15.77 -0.61
C LEU A 11 8.54 -15.01 -1.37
N GLY A 12 9.02 -13.94 -0.77
CA GLY A 12 10.07 -13.13 -1.40
C GLY A 12 10.72 -12.19 -0.45
N ILE A 13 11.28 -11.14 -1.05
CA ILE A 13 11.98 -10.10 -0.31
C ILE A 13 11.65 -8.72 -0.79
N GLU A 14 11.98 -7.77 0.07
N GLU A 14 11.98 -7.77 0.08
CA GLU A 14 11.75 -6.38 -0.24
CA GLU A 14 11.78 -6.36 -0.23
C GLU A 14 12.93 -5.89 -1.05
C GLU A 14 12.93 -5.94 -1.10
N THR A 15 12.60 -5.24 -2.16
CA THR A 15 13.58 -4.64 -2.99
C THR A 15 13.37 -3.12 -3.01
N MET A 16 14.29 -2.47 -3.70
CA MET A 16 14.40 -1.01 -3.71
C MET A 16 13.05 -0.40 -3.98
N GLY A 17 12.66 0.46 -3.06
CA GLY A 17 11.48 1.34 -3.22
C GLY A 17 10.27 0.80 -2.50
N GLY A 18 10.48 -0.32 -1.81
CA GLY A 18 9.46 -0.90 -0.88
C GLY A 18 8.51 -1.86 -1.59
N VAL A 19 9.05 -2.55 -2.58
CA VAL A 19 8.23 -3.47 -3.35
C VAL A 19 8.59 -4.87 -2.99
N MET A 20 7.63 -5.79 -3.11
CA MET A 20 7.95 -7.21 -2.89
C MET A 20 8.36 -7.86 -4.19
N THR A 21 9.46 -8.58 -4.11
CA THR A 21 9.96 -9.37 -5.21
C THR A 21 9.96 -10.85 -4.83
N THR A 22 9.14 -11.59 -5.55
CA THR A 22 8.85 -12.99 -5.25
C THR A 22 9.96 -13.93 -5.68
N LEU A 23 10.29 -14.85 -4.79
CA LEU A 23 11.25 -15.91 -5.10
C LEU A 23 10.52 -17.24 -5.29
N ILE A 24 9.49 -17.46 -4.47
CA ILE A 24 8.62 -18.67 -4.56
C ILE A 24 7.14 -18.31 -4.72
N ALA A 25 6.60 -18.69 -5.88
CA ALA A 25 5.20 -18.35 -6.20
C ALA A 25 4.24 -19.06 -5.27
N LYS A 26 3.10 -18.43 -5.02
CA LYS A 26 2.06 -19.11 -4.23
C LYS A 26 1.68 -20.44 -4.85
N ASN A 27 1.51 -21.41 -3.97
CA ASN A 27 1.02 -22.73 -4.29
C ASN A 27 2.04 -23.59 -5.00
N THR A 28 3.27 -23.16 -4.92
CA THR A 28 4.38 -24.03 -5.31
C THR A 28 4.50 -25.24 -4.39
N THR A 29 4.70 -26.39 -5.02
CA THR A 29 4.87 -27.63 -4.26
C THR A 29 6.17 -27.61 -3.49
N ILE A 30 6.15 -28.22 -2.32
CA ILE A 30 7.34 -28.34 -1.48
C ILE A 30 7.72 -29.81 -1.28
N PRO A 31 9.01 -30.11 -1.12
CA PRO A 31 10.09 -29.13 -1.04
C PRO A 31 10.37 -28.40 -2.32
N THR A 32 11.03 -27.28 -2.15
CA THR A 32 11.40 -26.46 -3.29
C THR A 32 12.58 -25.56 -2.94
N LYS A 33 13.29 -25.19 -3.99
CA LYS A 33 14.42 -24.26 -3.86
C LYS A 33 14.44 -23.34 -5.04
N HIS A 34 14.68 -22.07 -4.76
N HIS A 34 14.67 -22.07 -4.78
CA HIS A 34 14.76 -21.05 -5.80
CA HIS A 34 14.93 -21.14 -5.85
C HIS A 34 15.81 -20.01 -5.39
C HIS A 34 15.84 -20.04 -5.39
N SER A 35 16.67 -19.67 -6.35
CA SER A 35 17.75 -18.72 -6.13
C SER A 35 17.67 -17.62 -7.17
N GLN A 36 18.04 -16.44 -6.76
CA GLN A 36 18.06 -15.32 -7.70
C GLN A 36 19.10 -14.28 -7.27
N VAL A 37 19.77 -13.72 -8.27
CA VAL A 37 20.78 -12.70 -8.01
C VAL A 37 20.17 -11.31 -7.97
N PHE A 38 20.58 -10.59 -6.93
CA PHE A 38 20.22 -9.20 -6.69
C PHE A 38 21.52 -8.36 -6.60
N SER A 39 21.39 -7.06 -6.69
CA SER A 39 22.55 -6.18 -6.43
C SER A 39 22.17 -5.09 -5.47
N THR A 40 22.97 -4.04 -5.48
CA THR A 40 22.89 -2.95 -4.52
C THR A 40 22.18 -1.76 -5.15
N ALA A 41 21.39 -1.07 -4.33
CA ALA A 41 20.53 0.01 -4.80
C ALA A 41 21.32 1.27 -5.20
N GLU A 42 22.40 1.53 -4.48
CA GLU A 42 23.20 2.75 -4.68
C GLU A 42 24.71 2.47 -4.62
N ASP A 43 25.49 3.41 -5.13
CA ASP A 43 26.96 3.29 -5.16
C ASP A 43 27.54 3.15 -3.76
N ASN A 44 28.59 2.36 -3.65
CA ASN A 44 29.39 2.30 -2.44
C ASN A 44 28.64 1.71 -1.25
N GLN A 45 27.64 0.91 -1.56
CA GLN A 45 26.82 0.25 -0.54
C GLN A 45 27.50 -1.04 -0.06
N SER A 46 27.73 -1.11 1.25
N SER A 46 27.72 -1.10 1.25
CA SER A 46 28.56 -2.15 1.84
CA SER A 46 28.56 -2.15 1.84
C SER A 46 27.72 -3.20 2.57
C SER A 46 27.72 -3.20 2.57
N ALA A 47 26.43 -2.96 2.59
CA ALA A 47 25.48 -3.88 3.27
C ALA A 47 24.10 -3.84 2.65
N VAL A 48 23.44 -4.98 2.70
CA VAL A 48 22.05 -5.09 2.34
C VAL A 48 21.23 -5.73 3.45
N THR A 49 19.95 -5.40 3.44
CA THR A 49 18.97 -6.07 4.29
C THR A 49 18.12 -6.96 3.44
N ILE A 50 18.00 -8.19 3.92
CA ILE A 50 17.11 -9.18 3.37
C ILE A 50 15.89 -9.28 4.26
N HIS A 51 14.80 -8.71 3.81
N HIS A 51 14.81 -8.66 3.79
CA HIS A 51 13.56 -8.78 4.56
CA HIS A 51 13.49 -8.74 4.43
C HIS A 51 12.59 -9.75 3.91
C HIS A 51 12.70 -9.87 3.80
N VAL A 52 12.37 -10.86 4.62
CA VAL A 52 11.64 -12.01 4.12
C VAL A 52 10.15 -11.83 4.35
N LEU A 53 9.42 -11.97 3.27
CA LEU A 53 7.99 -11.66 3.25
C LEU A 53 7.12 -12.77 2.68
N GLN A 54 5.92 -12.85 3.20
CA GLN A 54 4.91 -13.78 2.68
C GLN A 54 3.65 -13.02 2.30
N GLY A 55 3.22 -13.21 1.05
CA GLY A 55 1.97 -12.59 0.60
C GLY A 55 1.97 -12.22 -0.86
N GLU A 56 0.87 -11.63 -1.27
CA GLU A 56 0.54 -11.44 -2.67
C GLU A 56 0.50 -9.95 -3.03
N ARG A 57 0.86 -9.10 -2.07
CA ARG A 57 0.74 -7.64 -2.29
C ARG A 57 2.04 -7.08 -2.85
N LYS A 58 1.89 -6.07 -3.70
CA LYS A 58 3.08 -5.49 -4.34
C LYS A 58 3.82 -4.58 -3.38
N ARG A 59 3.11 -3.98 -2.43
CA ARG A 59 3.78 -3.17 -1.39
C ARG A 59 4.31 -4.11 -0.31
N ALA A 60 5.61 -4.10 -0.11
CA ALA A 60 6.24 -5.04 0.82
C ALA A 60 5.59 -4.91 2.19
N ALA A 61 5.26 -3.68 2.54
CA ALA A 61 4.73 -3.38 3.87
C ALA A 61 3.38 -4.08 4.10
N ASP A 62 2.78 -4.50 3.02
CA ASP A 62 1.40 -5.04 3.06
C ASP A 62 1.45 -6.54 3.24
N ASN A 63 2.65 -7.09 3.11
CA ASN A 63 2.83 -8.53 3.26
C ASN A 63 3.25 -8.86 4.67
N LYS A 64 3.24 -10.15 4.97
CA LYS A 64 3.56 -10.63 6.32
C LYS A 64 5.08 -10.83 6.44
N SER A 65 5.68 -10.15 7.39
CA SER A 65 7.11 -10.31 7.69
C SER A 65 7.40 -11.61 8.40
N LEU A 66 8.33 -12.35 7.83
CA LEU A 66 8.71 -13.66 8.36
C LEU A 66 10.05 -13.56 9.06
N GLY A 67 10.73 -12.46 8.82
CA GLY A 67 12.08 -12.30 9.31
C GLY A 67 12.95 -11.43 8.46
N GLN A 68 14.07 -11.08 9.06
CA GLN A 68 15.11 -10.41 8.31
C GLN A 68 16.49 -10.57 8.92
N PHE A 69 17.45 -10.19 8.10
CA PHE A 69 18.86 -10.26 8.43
C PHE A 69 19.65 -9.38 7.49
N ASN A 70 20.80 -8.95 7.95
CA ASN A 70 21.68 -8.13 7.12
C ASN A 70 22.84 -8.97 6.60
N LEU A 71 23.32 -8.54 5.45
CA LEU A 71 24.55 -9.06 4.85
C LEU A 71 25.52 -7.90 4.68
N ASP A 72 26.60 -7.95 5.46
CA ASP A 72 27.58 -6.86 5.51
C ASP A 72 28.90 -7.31 4.92
N GLY A 73 29.81 -6.36 4.85
CA GLY A 73 31.20 -6.63 4.39
C GLY A 73 31.36 -6.68 2.89
N ILE A 74 30.33 -6.22 2.23
CA ILE A 74 30.39 -6.07 0.80
C ILE A 74 31.35 -4.93 0.45
N ASN A 75 32.18 -5.18 -0.54
CA ASN A 75 33.15 -4.19 -1.02
C ASN A 75 32.41 -3.06 -1.72
N PRO A 76 32.65 -1.82 -1.26
CA PRO A 76 31.93 -0.73 -1.85
C PRO A 76 32.26 -0.58 -3.31
N ALA A 77 31.18 -0.60 -4.11
CA ALA A 77 31.23 -0.65 -5.55
C ALA A 77 30.07 0.13 -6.18
N PRO A 78 30.12 0.32 -7.51
CA PRO A 78 29.00 0.92 -8.24
C PRO A 78 27.73 0.12 -8.08
N ARG A 79 26.64 0.85 -7.95
CA ARG A 79 25.33 0.21 -7.87
C ARG A 79 25.20 -0.73 -9.02
N GLY A 80 24.73 -1.92 -8.71
CA GLY A 80 24.42 -2.92 -9.72
C GLY A 80 25.53 -3.90 -9.92
N MET A 81 26.69 -3.59 -9.35
CA MET A 81 27.88 -4.41 -9.54
C MET A 81 27.87 -5.65 -8.66
N PRO A 82 27.65 -5.49 -7.33
CA PRO A 82 27.63 -6.69 -6.52
C PRO A 82 26.59 -7.69 -6.98
N GLN A 83 27.00 -8.94 -6.84
N GLN A 83 26.95 -8.95 -6.80
CA GLN A 83 26.19 -10.06 -7.21
CA GLN A 83 26.09 -10.03 -7.16
C GLN A 83 25.81 -10.79 -5.92
C GLN A 83 25.74 -10.82 -5.90
N ILE A 84 24.62 -10.51 -5.42
N ILE A 84 24.59 -10.49 -5.32
CA ILE A 84 24.15 -11.08 -4.16
CA ILE A 84 24.14 -11.09 -4.09
C ILE A 84 23.12 -12.16 -4.46
C ILE A 84 23.11 -12.15 -4.40
N GLU A 85 23.53 -13.39 -4.22
CA GLU A 85 22.71 -14.55 -4.50
C GLU A 85 21.79 -14.86 -3.34
N VAL A 86 20.49 -14.83 -3.61
CA VAL A 86 19.51 -15.03 -2.56
C VAL A 86 18.80 -16.32 -2.87
N THR A 87 18.86 -17.21 -1.88
CA THR A 87 18.27 -18.54 -2.02
C THR A 87 17.20 -18.77 -0.98
N PHE A 88 16.03 -19.18 -1.45
CA PHE A 88 14.95 -19.65 -0.59
C PHE A 88 14.79 -21.15 -0.79
N ASP A 89 14.87 -21.87 0.31
CA ASP A 89 14.71 -23.33 0.28
C ASP A 89 13.71 -23.75 1.33
N ILE A 90 12.64 -24.41 0.89
CA ILE A 90 11.66 -24.99 1.81
C ILE A 90 11.81 -26.49 1.80
N ASP A 91 12.11 -27.05 2.96
CA ASP A 91 12.22 -28.52 3.05
C ASP A 91 10.86 -29.20 3.19
N ALA A 92 10.91 -30.52 3.29
CA ALA A 92 9.70 -31.35 3.23
C ALA A 92 8.84 -31.10 4.45
N ASP A 93 9.43 -30.56 5.49
CA ASP A 93 8.70 -30.29 6.75
C ASP A 93 8.22 -28.85 6.84
N GLY A 94 8.44 -28.12 5.76
CA GLY A 94 7.87 -26.79 5.60
C GLY A 94 8.73 -25.72 6.22
N ILE A 95 9.91 -26.13 6.65
CA ILE A 95 10.91 -25.17 7.20
C ILE A 95 11.60 -24.42 6.07
N LEU A 96 11.58 -23.11 6.20
CA LEU A 96 12.12 -22.21 5.20
C LEU A 96 13.51 -21.75 5.59
N HIS A 97 14.47 -22.01 4.70
CA HIS A 97 15.84 -21.51 4.86
C HIS A 97 16.08 -20.45 3.82
N VAL A 98 16.48 -19.27 4.27
CA VAL A 98 16.83 -18.14 3.40
C VAL A 98 18.28 -17.74 3.64
N SER A 99 19.04 -17.69 2.56
CA SER A 99 20.43 -17.22 2.60
C SER A 99 20.72 -16.20 1.53
N ALA A 100 21.67 -15.36 1.88
CA ALA A 100 22.21 -14.39 0.92
C ALA A 100 23.73 -14.44 0.95
N LYS A 101 24.29 -14.54 -0.24
CA LYS A 101 25.72 -14.62 -0.36
C LYS A 101 26.25 -13.62 -1.39
N ASP A 102 27.22 -12.81 -0.96
CA ASP A 102 27.93 -11.91 -1.90
C ASP A 102 29.05 -12.69 -2.64
N LYS A 103 28.89 -12.85 -3.95
CA LYS A 103 29.78 -13.70 -4.75
C LYS A 103 31.21 -13.21 -4.74
N ASN A 104 31.41 -11.90 -4.66
CA ASN A 104 32.76 -11.36 -4.74
C ASN A 104 33.53 -11.70 -3.48
N SER A 105 32.94 -11.35 -2.36
CA SER A 105 33.61 -11.42 -1.05
C SER A 105 33.42 -12.78 -0.44
N GLY A 106 32.45 -13.51 -0.95
CA GLY A 106 32.08 -14.81 -0.38
C GLY A 106 31.38 -14.72 0.96
N LYS A 107 31.12 -13.50 1.40
CA LYS A 107 30.37 -13.30 2.65
C LYS A 107 28.93 -13.79 2.57
N GLU A 108 28.50 -14.50 3.61
CA GLU A 108 27.18 -15.07 3.60
C GLU A 108 26.47 -14.95 4.94
N GLN A 109 25.16 -14.90 4.87
CA GLN A 109 24.33 -14.88 6.06
C GLN A 109 23.02 -15.60 5.79
N LYS A 110 22.42 -16.10 6.85
CA LYS A 110 21.21 -16.92 6.69
C LYS A 110 20.33 -16.96 7.89
N ILE A 111 19.11 -17.40 7.61
N ILE A 111 19.06 -17.26 7.65
CA ILE A 111 18.05 -17.50 8.61
CA ILE A 111 18.12 -17.54 8.73
C ILE A 111 17.22 -18.74 8.39
C ILE A 111 17.23 -18.72 8.41
N THR A 112 16.66 -19.22 9.49
CA THR A 112 15.75 -20.37 9.44
C THR A 112 14.41 -19.90 9.97
N ILE A 113 13.37 -20.19 9.21
CA ILE A 113 12.03 -19.79 9.56
C ILE A 113 11.14 -21.03 9.64
N LYS A 114 10.61 -21.21 10.84
CA LYS A 114 9.73 -22.33 11.19
C LYS A 114 8.46 -22.46 10.38
N ALA A 115 8.08 -23.70 10.12
CA ALA A 115 6.94 -24.00 9.22
C ALA A 115 5.63 -23.38 9.69
N SER A 116 5.55 -23.14 10.99
CA SER A 116 4.30 -22.68 11.61
C SER A 116 4.21 -21.17 11.47
N SER A 117 5.29 -20.57 11.01
CA SER A 117 5.30 -19.12 10.76
C SER A 117 4.31 -18.63 9.71
N GLY A 118 4.11 -17.34 9.76
CA GLY A 118 3.25 -16.61 8.83
C GLY A 118 1.75 -16.74 9.02
N LEU A 119 1.04 -16.61 7.91
CA LEU A 119 -0.41 -16.39 7.96
C LEU A 119 -1.18 -17.69 8.06
N ASN A 120 -2.27 -17.65 8.81
CA ASN A 120 -3.15 -18.82 8.92
C ASN A 120 -4.17 -18.88 7.81
N GLU A 121 -5.05 -19.88 7.86
CA GLU A 121 -5.89 -20.17 6.71
C GLU A 121 -6.80 -19.02 6.36
N ASP A 122 -7.37 -18.41 7.38
N ASP A 122 -7.35 -18.42 7.41
CA ASP A 122 -8.32 -17.32 7.15
CA ASP A 122 -8.27 -17.28 7.26
C ASP A 122 -7.55 -16.08 6.68
C ASP A 122 -7.49 -16.17 6.61
N GLU A 123 -6.37 -15.88 7.24
CA GLU A 123 -5.50 -14.77 6.81
C GLU A 123 -5.00 -14.96 5.34
N ILE A 124 -4.82 -16.21 4.98
CA ILE A 124 -4.32 -16.58 3.63
C ILE A 124 -5.40 -16.22 2.62
N GLN A 125 -6.63 -16.58 2.95
CA GLN A 125 -7.72 -16.37 2.01
C GLN A 125 -8.03 -14.88 1.90
N LYS A 126 -7.91 -14.16 3.01
CA LYS A 126 -8.10 -12.70 2.99
C LYS A 126 -7.01 -12.04 2.16
N MET A 127 -5.80 -12.54 2.31
CA MET A 127 -4.65 -12.02 1.57
C MET A 127 -4.93 -12.15 0.07
N VAL A 128 -5.40 -13.33 -0.33
CA VAL A 128 -5.65 -13.54 -1.75
C VAL A 128 -6.74 -12.59 -2.22
N ARG A 129 -7.73 -12.37 -1.37
N ARG A 129 -7.73 -12.38 -1.36
CA ARG A 129 -8.89 -11.55 -1.76
CA ARG A 129 -8.91 -11.58 -1.75
C ARG A 129 -8.44 -10.10 -1.89
C ARG A 129 -8.54 -10.09 -1.80
N ASP A 130 -7.59 -9.72 -0.96
CA ASP A 130 -7.25 -8.30 -0.82
C ASP A 130 -6.36 -7.98 -2.00
N ALA A 131 -5.58 -8.98 -2.43
CA ALA A 131 -4.64 -8.80 -3.54
C ALA A 131 -5.43 -8.61 -4.84
N GLU A 132 -6.47 -9.42 -4.97
CA GLU A 132 -7.33 -9.39 -6.15
C GLU A 132 -8.05 -8.04 -6.18
N ALA A 133 -8.63 -7.65 -5.07
CA ALA A 133 -9.42 -6.41 -5.01
C ALA A 133 -8.56 -5.18 -5.24
N ASN A 134 -7.26 -5.34 -5.05
CA ASN A 134 -6.33 -4.20 -5.15
C ASN A 134 -5.35 -4.35 -6.26
N ALA A 135 -5.72 -5.18 -7.22
CA ALA A 135 -4.78 -5.55 -8.28
C ALA A 135 -4.33 -4.33 -9.09
N GLU A 136 -5.28 -3.46 -9.42
CA GLU A 136 -4.98 -2.29 -10.26
C GLU A 136 -4.04 -1.34 -9.51
N ALA A 137 -4.38 -1.05 -8.26
CA ALA A 137 -3.59 -0.14 -7.45
C ALA A 137 -2.19 -0.71 -7.19
N ASP A 138 -2.10 -2.03 -7.04
CA ASP A 138 -0.81 -2.65 -6.71
C ASP A 138 0.08 -2.54 -7.92
N ARG A 139 -0.55 -2.63 -9.08
CA ARG A 139 0.17 -2.52 -10.35
C ARG A 139 0.68 -1.09 -10.54
N LYS A 140 -0.15 -0.14 -10.16
CA LYS A 140 0.24 1.26 -10.27
C LYS A 140 1.40 1.58 -9.36
N PHE A 141 1.37 0.97 -8.18
CA PHE A 141 2.42 1.20 -7.17
C PHE A 141 3.72 0.68 -7.69
N GLU A 142 3.63 -0.52 -8.23
CA GLU A 142 4.78 -1.18 -8.83
C GLU A 142 5.42 -0.31 -9.90
N GLU A 143 4.57 0.22 -10.77
CA GLU A 143 5.03 1.09 -11.86
C GLU A 143 5.60 2.37 -11.30
N LEU A 144 4.94 2.88 -10.26
CA LEU A 144 5.41 4.09 -9.60
C LEU A 144 6.85 3.91 -9.10
N VAL A 145 7.07 2.76 -8.49
CA VAL A 145 8.35 2.49 -7.83
C VAL A 145 9.48 2.32 -8.86
N GLN A 146 9.14 1.69 -9.97
CA GLN A 146 10.10 1.49 -11.04
C GLN A 146 10.56 2.88 -11.53
N THR A 147 9.60 3.79 -11.61
CA THR A 147 9.87 5.14 -12.11
C THR A 147 10.65 5.92 -11.08
N ARG A 148 10.25 5.84 -9.82
CA ARG A 148 10.99 6.52 -8.75
C ARG A 148 12.43 6.06 -8.70
N ASN A 149 12.62 4.77 -8.97
CA ASN A 149 13.96 4.16 -8.82
C ASN A 149 14.79 4.69 -9.95
N GLN A 150 14.19 4.77 -11.12
CA GLN A 150 14.87 5.34 -12.30
C GLN A 150 15.26 6.79 -12.04
N GLY A 151 14.32 7.53 -11.48
CA GLY A 151 14.50 8.95 -11.25
C GLY A 151 15.55 9.15 -10.19
N ASP A 152 15.54 8.26 -9.23
CA ASP A 152 16.50 8.29 -8.12
C ASP A 152 17.89 8.18 -8.73
N HIS A 153 18.02 7.20 -9.61
CA HIS A 153 19.32 6.86 -10.19
C HIS A 153 19.81 7.96 -11.14
N LEU A 154 18.85 8.67 -11.71
CA LEU A 154 19.13 9.79 -12.62
C LEU A 154 19.70 10.95 -11.83
N LEU A 155 19.19 11.14 -10.62
CA LEU A 155 19.70 12.18 -9.72
C LEU A 155 21.17 11.96 -9.42
N HIS A 156 21.43 10.77 -8.91
CA HIS A 156 22.79 10.40 -8.48
C HIS A 156 23.74 10.53 -9.63
N SER A 157 23.38 9.90 -10.73
CA SER A 157 24.21 9.95 -11.94
C SER A 157 24.53 11.38 -12.32
N THR A 158 23.48 12.17 -12.45
CA THR A 158 23.60 13.51 -12.96
C THR A 158 24.51 14.29 -12.04
N ARG A 159 24.36 14.01 -10.76
CA ARG A 159 25.05 14.79 -9.74
C ARG A 159 26.53 14.49 -9.81
N LYS A 160 26.83 13.26 -10.20
CA LYS A 160 28.19 12.73 -10.17
C LYS A 160 28.91 13.20 -11.40
N GLN A 161 28.10 13.56 -12.39
CA GLN A 161 28.63 13.97 -13.69
C GLN A 161 28.87 15.47 -13.69
N VAL A 162 28.08 16.16 -12.87
CA VAL A 162 28.20 17.60 -12.78
C VAL A 162 29.46 17.93 -11.99
N GLU A 163 29.84 17.01 -11.10
CA GLU A 163 30.97 17.23 -10.23
C GLU A 163 32.19 16.80 -11.00
N GLU A 164 31.94 15.94 -11.97
CA GLU A 164 33.00 15.22 -12.67
C GLU A 164 33.50 16.07 -13.80
N ALA A 165 32.71 17.07 -14.15
CA ALA A 165 33.01 17.92 -15.31
C ALA A 165 33.47 19.28 -14.82
N GLY A 166 33.08 19.54 -13.58
CA GLY A 166 33.35 20.79 -12.88
C GLY A 166 33.32 22.04 -13.72
N ASP A 167 34.46 22.30 -14.34
CA ASP A 167 34.81 23.63 -14.83
C ASP A 167 34.25 23.80 -16.21
N LYS A 168 34.07 22.65 -16.82
CA LYS A 168 33.95 22.51 -18.26
C LYS A 168 32.48 22.63 -18.56
N LEU A 169 31.73 22.90 -17.50
CA LEU A 169 30.29 23.11 -17.59
C LEU A 169 29.97 24.61 -17.42
N PRO A 170 29.35 25.22 -18.42
CA PRO A 170 28.85 26.59 -18.31
C PRO A 170 27.93 26.77 -17.14
N ALA A 171 28.12 27.88 -16.45
CA ALA A 171 27.39 28.20 -15.23
C ALA A 171 25.89 28.17 -15.48
N ASP A 172 25.48 28.57 -16.67
CA ASP A 172 24.05 28.70 -16.98
C ASP A 172 23.51 27.29 -17.17
N ASP A 173 24.44 26.42 -17.48
CA ASP A 173 24.11 25.03 -17.77
C ASP A 173 23.87 24.42 -16.42
N LYS A 174 24.89 24.56 -15.59
CA LYS A 174 24.88 24.02 -14.22
C LYS A 174 23.61 24.46 -13.49
N THR A 175 23.14 25.66 -13.81
CA THR A 175 22.07 26.29 -13.05
C THR A 175 20.75 25.65 -13.41
N ALA A 176 20.57 25.56 -14.71
CA ALA A 176 19.39 24.96 -15.27
C ALA A 176 19.29 23.56 -14.66
N ILE A 177 20.43 22.91 -14.55
CA ILE A 177 20.51 21.51 -14.14
C ILE A 177 20.22 21.40 -12.66
N GLU A 178 20.75 22.33 -11.89
CA GLU A 178 20.56 22.28 -10.43
C GLU A 178 19.09 22.44 -10.10
N SER A 179 18.42 23.17 -10.97
CA SER A 179 17.05 23.54 -10.68
C SER A 179 16.16 22.37 -11.08
N ALA A 180 16.62 21.65 -12.07
CA ALA A 180 15.84 20.56 -12.63
C ALA A 180 15.99 19.38 -11.68
N LEU A 181 17.11 19.38 -10.97
CA LEU A 181 17.41 18.31 -10.03
C LEU A 181 16.44 18.45 -8.86
N THR A 182 16.22 19.70 -8.51
CA THR A 182 15.44 20.00 -7.31
C THR A 182 14.01 19.63 -7.60
N ALA A 183 13.56 20.02 -8.78
CA ALA A 183 12.18 19.77 -9.18
C ALA A 183 11.95 18.26 -9.21
N LEU A 184 12.96 17.54 -9.65
CA LEU A 184 12.86 16.09 -9.82
C LEU A 184 12.82 15.44 -8.44
N GLU A 185 13.72 15.91 -7.58
CA GLU A 185 13.79 15.40 -6.19
C GLU A 185 12.42 15.56 -5.54
N THR A 186 11.76 16.67 -5.85
CA THR A 186 10.47 16.99 -5.25
C THR A 186 9.38 16.08 -5.80
N ALA A 187 9.42 15.87 -7.11
CA ALA A 187 8.44 15.05 -7.77
C ALA A 187 8.54 13.62 -7.25
N LEU A 188 9.75 13.21 -6.92
CA LEU A 188 10.00 11.81 -6.59
C LEU A 188 9.25 11.45 -5.30
N LYS A 189 8.93 12.47 -4.50
CA LYS A 189 8.35 12.27 -3.16
C LYS A 189 6.87 12.02 -3.30
N GLY A 190 6.39 12.39 -4.49
CA GLY A 190 4.99 12.25 -4.86
C GLY A 190 4.69 10.89 -5.39
N GLU A 191 3.42 10.68 -5.74
CA GLU A 191 2.93 9.38 -6.19
C GLU A 191 2.42 9.40 -7.59
N ASP A 192 2.81 10.45 -8.29
CA ASP A 192 2.38 10.68 -9.67
C ASP A 192 3.52 10.32 -10.61
N LYS A 193 3.34 9.20 -11.30
CA LYS A 193 4.39 8.63 -12.15
C LYS A 193 4.73 9.59 -13.29
N ALA A 194 3.70 10.09 -13.97
CA ALA A 194 3.89 11.00 -15.12
C ALA A 194 4.63 12.25 -14.71
N ALA A 195 4.38 12.70 -13.49
CA ALA A 195 5.01 13.94 -13.02
C ALA A 195 6.51 13.75 -12.88
N ILE A 196 6.89 12.55 -12.47
CA ILE A 196 8.29 12.25 -12.18
C ILE A 196 9.03 12.16 -13.53
N GLU A 197 8.37 11.50 -14.46
CA GLU A 197 8.96 11.28 -15.78
C GLU A 197 9.13 12.61 -16.47
N ALA A 198 8.18 13.50 -16.21
CA ALA A 198 8.15 14.79 -16.88
C ALA A 198 9.33 15.57 -16.38
N LYS A 199 9.64 15.43 -15.10
CA LYS A 199 10.81 16.14 -14.52
C LYS A 199 12.10 15.50 -14.99
N MET A 200 12.04 14.21 -15.23
CA MET A 200 13.21 13.52 -15.79
C MET A 200 13.51 14.10 -17.17
N GLN A 201 12.44 14.42 -17.88
CA GLN A 201 12.53 14.85 -19.28
C GLN A 201 13.04 16.28 -19.34
N GLU A 202 12.58 17.07 -18.39
CA GLU A 202 12.97 18.47 -18.35
C GLU A 202 14.44 18.54 -18.00
N LEU A 203 14.86 17.57 -17.22
CA LEU A 203 16.25 17.53 -16.72
C LEU A 203 17.13 17.06 -17.86
N ALA A 204 16.63 16.08 -18.58
CA ALA A 204 17.36 15.56 -19.72
C ALA A 204 17.55 16.74 -20.68
N GLN A 205 16.54 17.57 -20.74
CA GLN A 205 16.49 18.66 -21.72
C GLN A 205 17.60 19.66 -21.48
N VAL A 206 18.00 19.81 -20.23
CA VAL A 206 18.98 20.85 -19.85
C VAL A 206 20.30 20.21 -19.45
N SER A 207 20.48 18.97 -19.85
CA SER A 207 21.68 18.24 -19.45
C SER A 207 22.52 17.89 -20.67
N GLN A 208 22.08 18.42 -21.81
CA GLN A 208 22.61 18.01 -23.12
C GLN A 208 24.10 18.27 -23.21
N LYS A 209 24.51 19.41 -22.68
CA LYS A 209 25.91 19.85 -22.78
C LYS A 209 26.72 18.97 -21.87
N LEU A 210 26.12 18.68 -20.73
CA LEU A 210 26.79 17.95 -19.64
C LEU A 210 26.97 16.55 -20.14
N MET A 211 26.11 16.23 -21.10
CA MET A 211 26.06 14.90 -21.70
C MET A 211 27.16 14.81 -22.73
N GLU A 212 27.42 15.94 -23.38
CA GLU A 212 28.54 16.05 -24.32
C GLU A 212 29.81 15.86 -23.49
N ILE A 213 29.89 16.69 -22.46
CA ILE A 213 31.00 16.61 -21.50
C ILE A 213 31.07 15.20 -20.92
N VAL B 1 9.48 16.91 32.36
CA VAL B 1 10.15 15.68 31.89
C VAL B 1 10.86 15.90 30.56
N LEU B 2 11.91 15.12 30.38
CA LEU B 2 12.64 15.09 29.11
C LEU B 2 12.30 13.84 28.33
N LEU B 3 11.50 12.98 28.93
CA LEU B 3 11.17 11.68 28.35
C LEU B 3 9.69 11.34 28.51
N LEU B 4 9.05 11.07 27.37
CA LEU B 4 7.66 10.63 27.34
C LEU B 4 7.51 9.40 26.48
N ASP B 5 6.77 8.46 27.01
CA ASP B 5 6.45 7.23 26.27
C ASP B 5 5.16 7.49 25.52
N VAL B 6 5.29 7.52 24.19
CA VAL B 6 4.19 7.91 23.29
C VAL B 6 4.01 6.94 22.15
N THR B 7 2.83 7.00 21.52
CA THR B 7 2.61 6.39 20.18
C THR B 7 3.33 7.25 19.16
N PRO B 8 4.24 6.66 18.40
CA PRO B 8 5.06 7.51 17.54
C PRO B 8 4.36 7.99 16.29
N LEU B 9 3.29 7.29 15.95
CA LEU B 9 2.51 7.59 14.74
C LEU B 9 1.01 7.46 15.01
N SER B 10 0.24 8.19 14.25
CA SER B 10 -1.21 8.11 14.37
C SER B 10 -1.73 6.71 14.10
N LEU B 11 -2.81 6.38 14.79
CA LEU B 11 -3.44 5.07 14.66
C LEU B 11 -4.91 5.28 14.35
N GLY B 12 -5.39 4.48 13.41
CA GLY B 12 -6.75 4.62 12.93
C GLY B 12 -7.22 3.48 12.06
N ILE B 13 -8.27 3.76 11.34
CA ILE B 13 -8.89 2.75 10.50
C ILE B 13 -9.17 3.31 9.12
N GLU B 14 -9.36 2.40 8.18
CA GLU B 14 -9.73 2.80 6.82
C GLU B 14 -11.22 3.05 6.74
N THR B 15 -11.54 4.17 6.10
CA THR B 15 -12.89 4.52 5.80
C THR B 15 -13.13 4.58 4.31
N MET B 16 -14.40 4.75 3.98
N MET B 16 -14.39 4.75 3.97
CA MET B 16 -14.88 4.69 2.60
CA MET B 16 -14.86 4.67 2.60
C MET B 16 -14.02 5.53 1.68
C MET B 16 -13.99 5.51 1.70
N GLY B 17 -13.50 4.86 0.66
CA GLY B 17 -12.77 5.52 -0.41
C GLY B 17 -11.26 5.40 -0.25
N GLY B 18 -10.84 4.65 0.75
CA GLY B 18 -9.41 4.38 0.90
C GLY B 18 -8.77 5.48 1.72
N VAL B 19 -9.55 6.00 2.66
CA VAL B 19 -9.09 7.09 3.55
C VAL B 19 -8.73 6.59 4.93
N MET B 20 -7.67 7.18 5.44
CA MET B 20 -7.25 6.96 6.82
C MET B 20 -7.97 7.92 7.73
N THR B 21 -8.70 7.37 8.69
CA THR B 21 -9.32 8.18 9.74
C THR B 21 -8.70 7.85 11.08
N THR B 22 -8.15 8.87 11.73
CA THR B 22 -7.37 8.73 12.96
C THR B 22 -8.19 8.65 14.24
N LEU B 23 -7.86 7.67 15.07
CA LEU B 23 -8.50 7.54 16.38
C LEU B 23 -7.58 7.99 17.51
N ILE B 24 -6.29 7.71 17.37
CA ILE B 24 -5.25 8.21 18.28
C ILE B 24 -4.19 8.98 17.51
N ALA B 25 -4.01 10.24 17.89
CA ALA B 25 -3.00 11.12 17.25
C ALA B 25 -1.58 10.70 17.56
N LYS B 26 -0.70 10.96 16.62
CA LYS B 26 0.72 10.68 16.82
C LYS B 26 1.18 11.46 18.04
N ASN B 27 2.14 10.88 18.73
CA ASN B 27 2.77 11.45 19.91
C ASN B 27 1.83 11.61 21.10
N THR B 28 0.77 10.81 21.13
CA THR B 28 -0.09 10.73 22.30
C THR B 28 0.57 9.90 23.41
N THR B 29 0.58 10.44 24.62
CA THR B 29 1.16 9.70 25.74
C THR B 29 0.37 8.44 26.03
N ILE B 30 1.10 7.37 26.29
CA ILE B 30 0.45 6.13 26.73
C ILE B 30 0.47 6.06 28.28
N PRO B 31 -0.53 5.41 28.88
CA PRO B 31 -1.65 4.75 28.23
C PRO B 31 -2.74 5.71 27.77
N THR B 32 -3.53 5.23 26.83
CA THR B 32 -4.58 6.02 26.24
C THR B 32 -5.65 5.16 25.60
N LYS B 33 -6.78 5.80 25.41
CA LYS B 33 -7.98 5.15 24.92
C LYS B 33 -8.89 6.17 24.24
N HIS B 34 -9.38 5.82 23.07
CA HIS B 34 -10.34 6.67 22.37
C HIS B 34 -11.32 5.87 21.54
N SER B 35 -12.51 6.45 21.45
CA SER B 35 -13.65 5.86 20.80
C SER B 35 -14.26 6.83 19.80
N GLN B 36 -14.78 6.28 18.73
CA GLN B 36 -15.49 7.06 17.71
C GLN B 36 -16.50 6.17 16.97
N VAL B 37 -17.65 6.74 16.69
CA VAL B 37 -18.72 6.05 15.99
C VAL B 37 -18.61 6.20 14.49
N PHE B 38 -18.73 5.07 13.82
CA PHE B 38 -18.75 4.97 12.37
C PHE B 38 -20.01 4.33 11.93
N SER B 39 -20.23 4.37 10.62
CA SER B 39 -21.40 3.69 10.03
C SER B 39 -21.04 2.98 8.74
N THR B 40 -22.08 2.54 8.06
CA THR B 40 -21.97 1.74 6.84
C THR B 40 -21.90 2.60 5.56
N ALA B 41 -21.09 2.11 4.63
CA ALA B 41 -20.87 2.79 3.35
C ALA B 41 -22.07 2.68 2.42
N GLU B 42 -22.72 1.52 2.42
CA GLU B 42 -23.87 1.30 1.54
C GLU B 42 -25.11 0.82 2.28
N ASP B 43 -26.25 1.11 1.68
CA ASP B 43 -27.55 0.65 2.20
C ASP B 43 -27.53 -0.85 2.38
N ASN B 44 -28.08 -1.28 3.50
CA ASN B 44 -28.30 -2.70 3.82
C ASN B 44 -27.02 -3.50 3.93
N GLN B 45 -25.91 -2.82 4.06
CA GLN B 45 -24.63 -3.49 4.32
C GLN B 45 -24.74 -4.33 5.60
N SER B 46 -24.36 -5.59 5.53
CA SER B 46 -24.52 -6.48 6.69
C SER B 46 -23.28 -6.64 7.53
N ALA B 47 -22.16 -6.17 7.00
CA ALA B 47 -20.87 -6.34 7.66
C ALA B 47 -19.93 -5.18 7.33
N VAL B 48 -19.03 -4.92 8.26
CA VAL B 48 -17.92 -3.98 8.04
C VAL B 48 -16.56 -4.63 8.32
N THR B 49 -15.56 -4.17 7.58
CA THR B 49 -14.18 -4.51 7.89
C THR B 49 -13.52 -3.34 8.57
N ILE B 50 -12.84 -3.65 9.67
CA ILE B 50 -12.05 -2.70 10.44
C ILE B 50 -10.58 -2.98 10.10
N HIS B 51 -9.99 -2.12 9.29
N HIS B 51 -10.04 -2.14 9.22
CA HIS B 51 -8.60 -2.25 8.88
CA HIS B 51 -8.62 -2.15 8.86
C HIS B 51 -7.77 -1.23 9.64
C HIS B 51 -7.92 -1.19 9.81
N VAL B 52 -7.03 -1.76 10.63
CA VAL B 52 -6.25 -0.96 11.55
C VAL B 52 -4.95 -0.56 10.87
N LEU B 53 -4.70 0.74 10.91
CA LEU B 53 -3.58 1.39 10.26
C LEU B 53 -2.75 2.25 11.20
N GLN B 54 -1.47 2.32 10.88
CA GLN B 54 -0.52 3.21 11.55
C GLN B 54 0.16 4.09 10.52
N GLY B 55 0.09 5.40 10.75
CA GLY B 55 0.69 6.40 9.84
C GLY B 55 -0.04 7.73 9.73
N GLU B 56 0.56 8.61 8.93
CA GLU B 56 0.20 10.03 8.87
C GLU B 56 -0.43 10.40 7.54
N ARG B 57 -0.48 9.43 6.65
N ARG B 57 -0.44 9.43 6.62
CA ARG B 57 -1.03 9.65 5.33
CA ARG B 57 -1.00 9.68 5.29
C ARG B 57 -2.54 9.55 5.30
C ARG B 57 -2.52 9.55 5.28
N LYS B 58 -3.13 10.48 4.57
CA LYS B 58 -4.60 10.49 4.37
C LYS B 58 -5.04 9.32 3.50
N ARG B 59 -4.14 8.85 2.65
CA ARG B 59 -4.38 7.65 1.85
C ARG B 59 -4.07 6.41 2.68
N ALA B 60 -5.09 5.63 2.94
CA ALA B 60 -4.98 4.42 3.75
C ALA B 60 -3.90 3.49 3.21
N ALA B 61 -3.80 3.42 1.90
CA ALA B 61 -2.91 2.44 1.26
C ALA B 61 -1.43 2.78 1.57
N ASP B 62 -1.19 4.02 1.96
CA ASP B 62 0.20 4.47 2.16
C ASP B 62 0.60 4.37 3.63
N ASN B 63 -0.32 3.87 4.43
CA ASN B 63 -0.03 3.69 5.86
C ASN B 63 0.22 2.24 6.14
N LYS B 64 0.71 1.94 7.33
CA LYS B 64 1.05 0.57 7.70
C LYS B 64 -0.15 -0.18 8.29
N SER B 65 -0.45 -1.32 7.69
N SER B 65 -0.46 -1.31 7.68
CA SER B 65 -1.50 -2.21 8.17
CA SER B 65 -1.52 -2.20 8.17
C SER B 65 -1.01 -3.00 9.37
C SER B 65 -1.02 -3.00 9.37
N LEU B 66 -1.80 -2.94 10.44
CA LEU B 66 -1.47 -3.59 11.73
C LEU B 66 -2.32 -4.82 11.95
N GLY B 67 -3.38 -4.89 11.16
CA GLY B 67 -4.36 -5.95 11.32
C GLY B 67 -5.72 -5.56 10.82
N GLN B 68 -6.56 -6.58 10.69
CA GLN B 68 -7.94 -6.39 10.28
C GLN B 68 -8.90 -7.40 10.89
N PHE B 69 -10.13 -6.98 11.05
CA PHE B 69 -11.23 -7.88 11.39
C PHE B 69 -12.55 -7.40 10.83
N ASN B 70 -13.46 -8.35 10.70
CA ASN B 70 -14.83 -8.04 10.30
C ASN B 70 -15.78 -8.00 11.51
N LEU B 71 -16.81 -7.17 11.36
CA LEU B 71 -17.98 -7.20 12.25
C LEU B 71 -19.18 -7.44 11.37
N ASP B 72 -19.86 -8.56 11.57
N ASP B 72 -19.85 -8.55 11.64
CA ASP B 72 -21.04 -8.84 10.77
CA ASP B 72 -20.99 -8.99 10.85
C ASP B 72 -22.29 -8.85 11.62
C ASP B 72 -22.30 -8.79 11.60
N GLY B 73 -23.38 -9.24 10.97
CA GLY B 73 -24.72 -9.21 11.58
C GLY B 73 -25.36 -7.84 11.75
N ILE B 74 -24.89 -6.88 10.98
CA ILE B 74 -25.50 -5.55 10.96
C ILE B 74 -26.87 -5.63 10.29
N ASN B 75 -27.90 -5.22 10.99
CA ASN B 75 -29.28 -5.33 10.47
C ASN B 75 -29.51 -4.39 9.27
N PRO B 76 -30.42 -4.75 8.37
CA PRO B 76 -30.75 -3.90 7.23
C PRO B 76 -31.05 -2.47 7.67
N ALA B 77 -30.43 -1.53 6.97
CA ALA B 77 -30.65 -0.11 7.25
C ALA B 77 -30.06 0.78 6.16
N PRO B 78 -30.65 1.95 5.95
CA PRO B 78 -29.94 2.84 5.03
C PRO B 78 -28.50 3.10 5.49
N ARG B 79 -27.65 3.33 4.51
CA ARG B 79 -26.25 3.68 4.78
C ARG B 79 -26.20 4.86 5.70
N GLY B 80 -25.22 4.86 6.58
CA GLY B 80 -25.01 5.99 7.47
C GLY B 80 -25.83 5.91 8.73
N MET B 81 -26.78 4.98 8.78
CA MET B 81 -27.66 4.86 9.96
C MET B 81 -27.14 3.91 11.08
N PRO B 82 -26.57 2.75 10.72
CA PRO B 82 -26.02 1.98 11.82
C PRO B 82 -24.95 2.73 12.58
N GLN B 83 -24.82 2.38 13.86
CA GLN B 83 -23.79 2.94 14.73
C GLN B 83 -22.79 1.89 15.16
N ILE B 84 -21.63 1.95 14.54
CA ILE B 84 -20.53 1.08 14.85
C ILE B 84 -19.50 1.84 15.68
N GLU B 85 -19.47 1.54 16.97
CA GLU B 85 -18.49 2.18 17.85
C GLU B 85 -17.20 1.44 17.82
N VAL B 86 -16.17 2.14 17.37
CA VAL B 86 -14.81 1.64 17.33
C VAL B 86 -14.02 2.28 18.46
N THR B 87 -13.33 1.41 19.20
CA THR B 87 -12.49 1.80 20.34
C THR B 87 -11.06 1.27 20.20
N PHE B 88 -10.13 2.19 20.39
CA PHE B 88 -8.70 1.89 20.39
C PHE B 88 -8.21 2.13 21.81
N ASP B 89 -7.63 1.12 22.38
CA ASP B 89 -7.07 1.20 23.72
C ASP B 89 -5.64 0.70 23.70
N ILE B 90 -4.72 1.60 24.02
CA ILE B 90 -3.33 1.22 24.21
C ILE B 90 -2.97 1.27 25.69
N ASP B 91 -2.54 0.11 26.14
CA ASP B 91 -2.14 -0.06 27.54
C ASP B 91 -0.68 0.29 27.77
N ALA B 92 -0.33 0.23 29.03
CA ALA B 92 0.99 0.64 29.52
C ALA B 92 2.08 -0.26 28.96
N ASP B 93 1.66 -1.42 28.48
CA ASP B 93 2.60 -2.36 27.85
C ASP B 93 2.72 -2.14 26.35
N GLY B 94 1.95 -1.19 25.84
CA GLY B 94 2.00 -0.84 24.41
C GLY B 94 1.20 -1.76 23.50
N ILE B 95 0.44 -2.64 24.10
CA ILE B 95 -0.48 -3.53 23.35
C ILE B 95 -1.72 -2.73 22.97
N LEU B 96 -2.06 -2.82 21.70
CA LEU B 96 -3.19 -2.07 21.19
C LEU B 96 -4.39 -3.01 21.09
N HIS B 97 -5.47 -2.60 21.74
CA HIS B 97 -6.73 -3.34 21.71
C HIS B 97 -7.71 -2.53 20.89
N VAL B 98 -8.27 -3.18 19.87
CA VAL B 98 -9.25 -2.51 19.01
C VAL B 98 -10.51 -3.30 19.01
N SER B 99 -11.61 -2.63 19.29
CA SER B 99 -12.92 -3.27 19.25
C SER B 99 -13.89 -2.46 18.41
N ALA B 100 -14.85 -3.17 17.84
CA ALA B 100 -16.02 -2.57 17.19
C ALA B 100 -17.29 -3.22 17.68
N LYS B 101 -18.24 -2.37 18.00
CA LYS B 101 -19.53 -2.81 18.51
C LYS B 101 -20.68 -2.14 17.78
N ASP B 102 -21.63 -2.96 17.35
CA ASP B 102 -22.84 -2.50 16.69
C ASP B 102 -23.89 -2.25 17.77
N LYS B 103 -24.25 -1.00 17.91
CA LYS B 103 -25.10 -0.56 19.01
C LYS B 103 -26.51 -1.13 18.92
N ASN B 104 -26.90 -1.56 17.72
CA ASN B 104 -28.27 -2.06 17.47
C ASN B 104 -28.33 -3.54 17.74
N SER B 105 -27.37 -4.26 17.22
CA SER B 105 -27.43 -5.70 17.24
C SER B 105 -26.72 -6.20 18.49
N GLY B 106 -25.93 -5.30 19.06
CA GLY B 106 -25.13 -5.59 20.24
C GLY B 106 -23.91 -6.43 19.95
N LYS B 107 -23.75 -6.80 18.70
CA LYS B 107 -22.57 -7.61 18.31
C LYS B 107 -21.28 -6.82 18.38
N GLU B 108 -20.26 -7.52 18.83
CA GLU B 108 -18.94 -6.94 18.93
C GLU B 108 -17.85 -7.92 18.52
N GLN B 109 -16.76 -7.32 18.03
CA GLN B 109 -15.56 -8.05 17.66
C GLN B 109 -14.33 -7.22 18.00
N LYS B 110 -13.27 -7.94 18.34
CA LYS B 110 -12.06 -7.36 18.90
C LYS B 110 -10.82 -7.97 18.31
N ILE B 111 -9.76 -7.17 18.23
CA ILE B 111 -8.42 -7.74 18.14
C ILE B 111 -7.42 -7.09 19.06
N THR B 112 -6.33 -7.81 19.20
CA THR B 112 -5.19 -7.43 20.04
C THR B 112 -3.96 -7.41 19.17
N ILE B 113 -3.25 -6.30 19.22
CA ILE B 113 -2.12 -6.06 18.37
C ILE B 113 -0.90 -5.77 19.25
N LYS B 114 0.09 -6.62 19.12
CA LYS B 114 1.24 -6.57 20.00
C LYS B 114 2.10 -5.30 19.79
N ALA B 115 2.79 -4.93 20.86
CA ALA B 115 3.56 -3.68 20.96
C ALA B 115 4.60 -3.54 19.88
N SER B 116 5.12 -4.65 19.39
CA SER B 116 6.23 -4.64 18.44
C SER B 116 5.75 -4.48 17.00
N SER B 117 4.44 -4.44 16.84
CA SER B 117 3.85 -4.28 15.50
C SER B 117 4.13 -2.93 14.89
N GLY B 118 3.84 -2.87 13.60
CA GLY B 118 4.04 -1.68 12.76
C GLY B 118 5.46 -1.29 12.39
N LEU B 119 5.62 0.02 12.24
CA LEU B 119 6.86 0.57 11.69
C LEU B 119 7.92 0.77 12.75
N ASN B 120 9.15 0.49 12.33
CA ASN B 120 10.35 0.73 13.15
C ASN B 120 10.81 2.19 13.06
N GLU B 121 11.83 2.49 13.85
CA GLU B 121 12.24 3.89 14.04
C GLU B 121 12.58 4.59 12.75
N ASP B 122 13.31 3.89 11.89
CA ASP B 122 13.70 4.49 10.62
C ASP B 122 12.46 4.77 9.77
N GLU B 123 11.54 3.81 9.82
CA GLU B 123 10.33 3.88 9.00
C GLU B 123 9.42 5.01 9.50
N ILE B 124 9.49 5.26 10.79
CA ILE B 124 8.61 6.25 11.45
C ILE B 124 9.04 7.61 10.97
N GLN B 125 10.34 7.82 11.00
CA GLN B 125 10.94 9.06 10.53
C GLN B 125 10.61 9.29 9.04
N LYS B 126 10.74 8.24 8.26
CA LYS B 126 10.40 8.33 6.82
C LYS B 126 8.94 8.70 6.61
N MET B 127 8.10 8.14 7.47
CA MET B 127 6.65 8.31 7.33
C MET B 127 6.30 9.77 7.59
N VAL B 128 6.91 10.35 8.60
CA VAL B 128 6.58 11.73 9.00
C VAL B 128 6.97 12.70 7.87
N ARG B 129 8.13 12.42 7.29
CA ARG B 129 8.65 13.27 6.21
C ARG B 129 7.78 13.10 4.99
N ASP B 130 7.39 11.85 4.74
CA ASP B 130 6.58 11.50 3.58
C ASP B 130 5.27 12.26 3.67
N ALA B 131 4.74 12.33 4.87
CA ALA B 131 3.41 12.92 5.06
C ALA B 131 3.55 14.41 4.80
N GLU B 132 4.67 14.94 5.24
CA GLU B 132 4.90 16.38 5.15
C GLU B 132 5.01 16.76 3.69
N ALA B 133 5.65 15.89 2.91
CA ALA B 133 5.97 16.20 1.52
C ALA B 133 4.70 16.06 0.68
N ASN B 134 3.73 15.34 1.23
CA ASN B 134 2.54 15.00 0.45
C ASN B 134 1.30 15.64 1.05
N ALA B 135 1.52 16.61 1.91
CA ALA B 135 0.41 17.22 2.65
C ALA B 135 -0.62 17.77 1.67
N GLU B 136 -0.16 18.40 0.61
CA GLU B 136 -1.08 19.06 -0.34
C GLU B 136 -1.77 18.01 -1.24
N ALA B 137 -1.00 17.05 -1.74
CA ALA B 137 -1.61 16.00 -2.55
C ALA B 137 -2.67 15.22 -1.73
N ASP B 138 -2.46 15.13 -0.43
CA ASP B 138 -3.38 14.34 0.44
C ASP B 138 -4.68 15.12 0.68
N ARG B 139 -4.53 16.43 0.73
CA ARG B 139 -5.69 17.33 0.85
C ARG B 139 -6.53 17.21 -0.43
N LYS B 140 -5.84 17.03 -1.54
CA LYS B 140 -6.52 16.96 -2.84
C LYS B 140 -7.15 15.59 -2.95
N PHE B 141 -6.48 14.60 -2.38
CA PHE B 141 -6.99 13.23 -2.42
C PHE B 141 -8.28 13.17 -1.62
N GLU B 142 -8.32 13.92 -0.53
CA GLU B 142 -9.50 13.91 0.35
C GLU B 142 -10.71 14.45 -0.41
N GLU B 143 -10.45 15.45 -1.24
CA GLU B 143 -11.52 16.14 -1.96
C GLU B 143 -12.04 15.17 -2.98
N LEU B 144 -11.08 14.56 -3.64
CA LEU B 144 -11.39 13.56 -4.65
C LEU B 144 -12.32 12.50 -4.10
N VAL B 145 -12.04 12.11 -2.87
CA VAL B 145 -12.67 10.90 -2.31
C VAL B 145 -14.11 11.27 -1.97
N GLN B 146 -14.29 12.51 -1.60
CA GLN B 146 -15.64 12.96 -1.31
C GLN B 146 -16.52 12.74 -2.54
N THR B 147 -15.99 13.07 -3.71
CA THR B 147 -16.76 13.05 -4.97
C THR B 147 -16.91 11.61 -5.34
N ARG B 148 -15.82 10.88 -5.22
CA ARG B 148 -15.82 9.47 -5.55
C ARG B 148 -16.93 8.78 -4.75
N ASN B 149 -17.02 9.12 -3.47
CA ASN B 149 -17.99 8.42 -2.61
C ASN B 149 -19.45 8.79 -2.99
N GLN B 150 -19.64 10.05 -3.35
CA GLN B 150 -20.97 10.49 -3.82
C GLN B 150 -21.33 9.69 -5.06
N GLY B 151 -20.32 9.43 -5.86
CA GLY B 151 -20.48 8.72 -7.11
C GLY B 151 -20.80 7.26 -6.90
N ASP B 152 -20.15 6.67 -5.91
CA ASP B 152 -20.33 5.27 -5.61
C ASP B 152 -21.75 5.12 -5.12
N HIS B 153 -22.17 6.13 -4.38
CA HIS B 153 -23.49 6.07 -3.73
C HIS B 153 -24.60 6.13 -4.75
N LEU B 154 -24.35 6.91 -5.80
CA LEU B 154 -25.35 7.14 -6.84
C LEU B 154 -25.44 5.87 -7.66
N LEU B 155 -24.27 5.32 -7.92
CA LEU B 155 -24.13 4.05 -8.64
C LEU B 155 -24.94 2.94 -7.95
N HIS B 156 -24.75 2.86 -6.65
CA HIS B 156 -25.39 1.81 -5.87
C HIS B 156 -26.90 2.01 -5.80
N SER B 157 -27.34 3.25 -5.65
N SER B 157 -27.31 3.26 -5.66
CA SER B 157 -28.78 3.50 -5.44
CA SER B 157 -28.74 3.58 -5.46
C SER B 157 -29.53 3.36 -6.77
C SER B 157 -29.50 3.32 -6.76
N THR B 158 -28.80 3.63 -7.85
CA THR B 158 -29.40 3.54 -9.20
C THR B 158 -29.57 2.06 -9.53
N ARG B 159 -28.55 1.30 -9.21
CA ARG B 159 -28.58 -0.13 -9.51
C ARG B 159 -29.78 -0.76 -8.79
N LYS B 160 -29.91 -0.41 -7.53
CA LYS B 160 -30.98 -0.95 -6.69
C LYS B 160 -32.34 -0.63 -7.29
N GLN B 161 -32.46 0.60 -7.78
CA GLN B 161 -33.76 1.12 -8.23
C GLN B 161 -34.14 0.43 -9.53
N VAL B 162 -33.12 0.11 -10.31
CA VAL B 162 -33.34 -0.46 -11.64
C VAL B 162 -33.97 -1.82 -11.39
N GLU B 163 -33.31 -2.53 -10.50
CA GLU B 163 -33.72 -3.89 -10.15
C GLU B 163 -35.13 -3.91 -9.60
N GLU B 164 -35.33 -3.06 -8.60
CA GLU B 164 -36.63 -2.95 -7.93
C GLU B 164 -37.73 -2.79 -8.95
N ALA B 165 -37.37 -2.14 -10.05
CA ALA B 165 -38.34 -1.65 -11.05
C ALA B 165 -38.47 -2.62 -12.22
N GLY B 166 -37.38 -3.37 -12.40
CA GLY B 166 -37.28 -4.41 -13.41
C GLY B 166 -37.97 -4.14 -14.73
N ASP B 167 -39.26 -4.43 -14.73
CA ASP B 167 -40.01 -4.65 -15.97
C ASP B 167 -40.69 -3.38 -16.42
N LYS B 168 -40.86 -2.49 -15.46
CA LYS B 168 -41.70 -1.30 -15.64
C LYS B 168 -40.83 -0.23 -16.25
N LEU B 169 -39.55 -0.58 -16.35
CA LEU B 169 -38.54 0.32 -16.92
C LEU B 169 -38.36 0.06 -18.41
N PRO B 170 -38.70 1.04 -19.26
CA PRO B 170 -38.57 0.88 -20.71
C PRO B 170 -37.17 0.48 -21.11
N ALA B 171 -37.09 -0.43 -22.07
CA ALA B 171 -35.81 -1.01 -22.48
C ALA B 171 -34.90 0.08 -23.03
N ASP B 172 -35.53 1.13 -23.52
CA ASP B 172 -34.78 2.25 -24.06
C ASP B 172 -33.91 2.73 -22.93
N ASP B 173 -34.61 2.96 -21.84
CA ASP B 173 -34.07 3.62 -20.64
C ASP B 173 -33.00 2.79 -19.97
N LYS B 174 -33.23 1.48 -19.90
CA LYS B 174 -32.38 0.58 -19.10
C LYS B 174 -31.09 0.33 -19.85
N THR B 175 -31.11 0.68 -21.13
CA THR B 175 -29.93 0.48 -21.97
C THR B 175 -29.04 1.68 -21.75
N ALA B 176 -29.68 2.83 -21.63
CA ALA B 176 -28.97 4.12 -21.52
C ALA B 176 -28.34 4.17 -20.13
N ILE B 177 -29.01 3.50 -19.21
CA ILE B 177 -28.69 3.57 -17.78
C ILE B 177 -27.51 2.67 -17.49
N GLU B 178 -27.56 1.48 -18.07
CA GLU B 178 -26.47 0.51 -17.94
C GLU B 178 -25.20 1.08 -18.54
N SER B 179 -25.37 1.90 -19.56
CA SER B 179 -24.20 2.48 -20.24
C SER B 179 -23.63 3.57 -19.36
N ALA B 180 -24.54 4.33 -18.75
CA ALA B 180 -24.16 5.51 -17.97
C ALA B 180 -23.51 4.99 -16.71
N LEU B 181 -24.02 3.87 -16.23
CA LEU B 181 -23.53 3.29 -14.97
C LEU B 181 -22.09 2.90 -15.20
N THR B 182 -21.85 2.36 -16.38
CA THR B 182 -20.55 1.80 -16.66
C THR B 182 -19.57 2.93 -16.81
N ALA B 183 -20.05 3.99 -17.43
CA ALA B 183 -19.23 5.16 -17.67
C ALA B 183 -18.83 5.75 -16.32
N LEU B 184 -19.77 5.73 -15.39
CA LEU B 184 -19.57 6.41 -14.11
C LEU B 184 -18.52 5.61 -13.34
N GLU B 185 -18.64 4.32 -13.53
CA GLU B 185 -17.84 3.32 -12.81
C GLU B 185 -16.38 3.54 -13.19
N THR B 186 -16.20 3.64 -14.47
CA THR B 186 -14.89 3.95 -15.05
C THR B 186 -14.36 5.24 -14.45
N ALA B 187 -15.14 6.31 -14.60
CA ALA B 187 -14.72 7.64 -14.12
C ALA B 187 -14.19 7.58 -12.69
N LEU B 188 -14.79 6.72 -11.90
CA LEU B 188 -14.50 6.69 -10.48
C LEU B 188 -13.05 6.27 -10.25
N LYS B 189 -12.47 5.63 -11.25
CA LYS B 189 -11.15 5.00 -11.09
C LYS B 189 -10.07 6.04 -11.31
N GLY B 190 -10.53 7.22 -11.72
CA GLY B 190 -9.62 8.33 -12.03
C GLY B 190 -9.54 9.31 -10.89
N GLU B 191 -8.70 10.33 -11.01
CA GLU B 191 -8.63 11.30 -9.93
C GLU B 191 -9.07 12.67 -10.45
N ASP B 192 -9.91 12.61 -11.46
CA ASP B 192 -10.57 13.81 -11.98
C ASP B 192 -11.97 13.95 -11.41
N LYS B 193 -12.12 15.00 -10.61
CA LYS B 193 -13.33 15.26 -9.85
C LYS B 193 -14.51 15.57 -10.77
N ALA B 194 -14.22 16.48 -11.69
CA ALA B 194 -15.19 16.97 -12.68
C ALA B 194 -15.72 15.82 -13.51
N ALA B 195 -14.79 14.99 -13.95
CA ALA B 195 -15.13 13.86 -14.80
C ALA B 195 -16.10 12.95 -14.06
N ILE B 196 -15.92 12.84 -12.76
CA ILE B 196 -16.83 12.02 -11.94
C ILE B 196 -18.20 12.68 -11.91
N GLU B 197 -18.24 13.96 -11.58
CA GLU B 197 -19.52 14.64 -11.45
C GLU B 197 -20.28 14.66 -12.79
N ALA B 198 -19.49 14.68 -13.84
CA ALA B 198 -20.01 14.76 -15.21
C ALA B 198 -20.65 13.43 -15.54
N LYS B 199 -19.99 12.35 -15.16
CA LYS B 199 -20.57 11.03 -15.44
C LYS B 199 -21.84 10.83 -14.62
N MET B 200 -21.86 11.44 -13.43
CA MET B 200 -23.04 11.34 -12.55
C MET B 200 -24.22 12.08 -13.20
N GLN B 201 -23.91 13.22 -13.79
CA GLN B 201 -24.90 14.03 -14.52
C GLN B 201 -25.49 13.23 -15.67
N GLU B 202 -24.63 12.53 -16.40
CA GLU B 202 -25.06 11.81 -17.60
C GLU B 202 -25.97 10.67 -17.19
N LEU B 203 -25.75 10.16 -15.99
CA LEU B 203 -26.54 9.02 -15.50
C LEU B 203 -27.90 9.56 -15.08
N ALA B 204 -27.88 10.75 -14.51
CA ALA B 204 -29.08 11.39 -14.00
C ALA B 204 -29.98 11.74 -15.18
N GLN B 205 -29.37 12.03 -16.32
CA GLN B 205 -30.11 12.54 -17.48
C GLN B 205 -30.93 11.41 -18.09
N VAL B 206 -30.50 10.19 -17.81
CA VAL B 206 -31.11 9.00 -18.41
C VAL B 206 -31.92 8.22 -17.38
N SER B 207 -32.11 8.83 -16.22
CA SER B 207 -32.72 8.13 -15.09
C SER B 207 -34.07 8.68 -14.68
N GLN B 208 -34.59 9.62 -15.46
CA GLN B 208 -35.80 10.34 -15.03
C GLN B 208 -37.01 9.40 -14.88
N LYS B 209 -37.09 8.40 -15.75
CA LYS B 209 -38.26 7.52 -15.78
C LYS B 209 -38.12 6.55 -14.61
N LEU B 210 -36.87 6.30 -14.30
CA LEU B 210 -36.53 5.34 -13.26
C LEU B 210 -36.96 5.99 -11.97
N MET B 211 -36.76 7.30 -11.92
CA MET B 211 -36.95 8.06 -10.69
C MET B 211 -38.43 8.12 -10.42
N GLU B 212 -39.19 8.19 -11.51
CA GLU B 212 -40.63 8.33 -11.43
C GLU B 212 -41.20 7.03 -10.91
N ILE B 213 -40.68 5.98 -11.51
CA ILE B 213 -41.10 4.61 -11.20
C ILE B 213 -40.79 4.33 -9.74
N ALA B 214 -39.51 4.45 -9.44
CA ALA B 214 -38.99 4.18 -8.09
C ALA B 214 -39.76 4.94 -7.01
N GLN B 215 -40.25 6.13 -7.39
CA GLN B 215 -40.84 7.11 -6.44
C GLN B 215 -42.33 6.88 -6.17
N LYS C 3 -17.24 14.17 10.20
CA LYS C 3 -17.99 13.83 11.45
C LYS C 3 -18.25 12.34 11.59
N LEU C 4 -19.22 11.89 10.80
CA LEU C 4 -19.55 10.46 10.66
C LEU C 4 -18.96 9.84 9.40
N TYR C 5 -17.95 9.00 9.58
CA TYR C 5 -17.27 8.31 8.47
C TYR C 5 -17.78 6.90 8.34
N LEU C 7 -17.69 2.83 6.76
CA LEU C 7 -16.80 1.63 6.69
C LEU C 7 -17.15 0.74 5.51
N PRO C 8 -16.13 0.21 4.83
CA PRO C 8 -16.39 -0.70 3.73
C PRO C 8 -16.88 -2.09 4.16
N ARG C 9 -17.53 -2.76 3.24
CA ARG C 9 -17.89 -4.17 3.41
C ARG C 9 -16.65 -5.03 3.23
N PRO C 10 -16.69 -6.24 3.78
CA PRO C 10 -15.54 -7.11 3.58
C PRO C 10 -15.23 -7.54 2.15
N THR C 11 -13.93 -7.64 1.97
CA THR C 11 -13.16 -8.50 1.03
C THR C 11 -12.60 -7.74 -0.18
N LYS D 3 14.75 -7.24 -14.13
CA LYS D 3 15.43 -8.58 -14.21
C LYS D 3 16.46 -8.69 -13.10
N LEU D 4 17.29 -7.66 -13.02
CA LEU D 4 18.21 -7.47 -11.87
C LEU D 4 17.62 -6.48 -10.89
N TYR D 5 17.10 -6.99 -9.80
CA TYR D 5 16.52 -6.17 -8.74
C TYR D 5 17.56 -5.75 -7.68
N LEU D 7 18.63 -4.03 -3.78
CA LEU D 7 18.39 -4.22 -2.32
C LEU D 7 18.75 -2.99 -1.51
N PRO D 8 17.87 -2.61 -0.59
CA PRO D 8 18.28 -1.49 0.23
C PRO D 8 19.38 -1.79 1.24
N ARG D 9 20.06 -0.73 1.62
CA ARG D 9 21.03 -0.75 2.74
C ARG D 9 20.30 -0.89 4.06
N PRO D 10 21.00 -1.43 5.08
CA PRO D 10 20.33 -1.52 6.37
C PRO D 10 20.21 -0.20 7.06
N THR D 11 19.14 -0.13 7.84
CA THR D 11 18.82 0.96 8.76
C THR D 11 18.33 2.16 8.01
#